data_6T6C
#
_entry.id   6T6C
#
_cell.length_a   37.051
_cell.length_b   55.008
_cell.length_c   65.829
_cell.angle_alpha   90.000
_cell.angle_beta   90.000
_cell.angle_gamma   90.000
#
_symmetry.space_group_name_H-M   'P 21 21 21'
#
loop_
_entity.id
_entity.type
_entity.pdbx_description
1 polymer 'Lysozyme C'
2 branched 2-acetamido-2-deoxy-beta-D-glucopyranose-(1-4)-2-acetamido-2-deoxy-beta-D-glucopyranose-(1-4)-2-acetamido-2-deoxy-beta-D-glucopyranose-(1-4)-2-acetamido-2-deoxy-beta-D-glucopyranose
3 non-polymer 'CHLORIDE ION'
4 water water
#
_entity_poly.entity_id   1
_entity_poly.type   'polypeptide(L)'
_entity_poly.pdbx_seq_one_letter_code
;EKRIIPRCELVKILREHGFEGFEGTTIADWICLVQHASDYNTEAYNNNGPSRDYGIFQINSKYWCNDGKTSGAVDGCHIS
CSELMTNDLEDDIKCAKKIARDAHGLTPWYGWKNHCEGRDLSSYVKGC
;
_entity_poly.pdbx_strand_id   A
#
loop_
_chem_comp.id
_chem_comp.type
_chem_comp.name
_chem_comp.formula
CL non-polymer 'CHLORIDE ION' 'Cl -1'
NAG D-saccharide, beta linking 2-acetamido-2-deoxy-beta-D-glucopyranose 'C8 H15 N O6'
#
# COMPACT_ATOMS: atom_id res chain seq x y z
N GLU A 1 14.29 -8.18 -0.33
CA GLU A 1 13.79 -9.48 -0.94
C GLU A 1 12.64 -9.10 -1.86
N LYS A 2 12.21 -10.07 -2.71
N LYS A 2 12.25 -10.00 -2.79
CA LYS A 2 11.12 -9.86 -3.69
CA LYS A 2 11.07 -9.77 -3.67
C LYS A 2 10.11 -11.00 -3.73
C LYS A 2 10.12 -10.97 -3.72
N ARG A 3 8.84 -10.64 -3.61
CA ARG A 3 7.72 -11.59 -3.78
C ARG A 3 6.56 -10.82 -4.42
N ILE A 4 6.44 -10.93 -5.70
CA ILE A 4 5.56 -10.09 -6.51
C ILE A 4 4.16 -10.67 -6.53
N ILE A 5 3.25 -9.74 -6.56
N ILE A 5 3.12 -9.84 -6.39
CA ILE A 5 1.88 -10.07 -6.94
CA ILE A 5 1.71 -10.20 -6.73
C ILE A 5 1.69 -9.51 -8.31
C ILE A 5 1.41 -9.56 -8.10
N PRO A 6 1.32 -10.37 -9.23
CA PRO A 6 1.12 -9.85 -10.56
C PRO A 6 -0.07 -8.89 -10.64
N ARG A 7 0.03 -7.97 -11.58
CA ARG A 7 -0.97 -6.90 -11.75
C ARG A 7 -2.40 -7.45 -11.78
N CYS A 8 -2.72 -8.40 -12.65
CA CYS A 8 -4.12 -8.82 -12.77
C CYS A 8 -4.57 -9.59 -11.54
N GLU A 9 -3.67 -10.30 -10.84
N GLU A 9 -3.66 -10.30 -10.86
CA GLU A 9 -4.01 -10.95 -9.56
CA GLU A 9 -3.98 -10.95 -9.60
C GLU A 9 -4.36 -9.89 -8.51
C GLU A 9 -4.35 -9.90 -8.54
N LEU A 10 -3.57 -8.83 -8.46
CA LEU A 10 -3.88 -7.74 -7.53
C LEU A 10 -5.22 -7.09 -7.86
N VAL A 11 -5.47 -6.86 -9.16
CA VAL A 11 -6.76 -6.32 -9.58
C VAL A 11 -7.90 -7.17 -9.00
N LYS A 12 -7.79 -8.47 -9.17
CA LYS A 12 -8.89 -9.36 -8.74
C LYS A 12 -9.02 -9.31 -7.22
N ILE A 13 -7.91 -9.36 -6.51
CA ILE A 13 -7.89 -9.27 -5.05
C ILE A 13 -8.65 -7.99 -4.58
N LEU A 14 -8.29 -6.86 -5.19
CA LEU A 14 -8.88 -5.58 -4.76
C LEU A 14 -10.37 -5.52 -5.16
N ARG A 15 -10.71 -5.99 -6.37
CA ARG A 15 -12.13 -5.97 -6.75
C ARG A 15 -12.93 -6.81 -5.75
N GLU A 16 -12.44 -8.00 -5.45
CA GLU A 16 -13.11 -8.96 -4.55
C GLU A 16 -13.05 -8.49 -3.10
N HIS A 17 -12.30 -7.46 -2.79
CA HIS A 17 -12.31 -6.88 -1.46
C HIS A 17 -13.07 -5.53 -1.45
N GLY A 18 -13.86 -5.28 -2.48
CA GLY A 18 -14.73 -4.09 -2.44
C GLY A 18 -13.96 -2.78 -2.52
N PHE A 19 -12.83 -2.77 -3.19
CA PHE A 19 -12.08 -1.50 -3.32
C PHE A 19 -12.75 -0.52 -4.28
N GLU A 20 -13.53 -0.97 -5.25
N GLU A 20 -13.54 -0.97 -5.26
CA GLU A 20 -14.16 -0.01 -6.19
CA GLU A 20 -14.14 0.01 -6.20
C GLU A 20 -15.15 0.82 -5.38
C GLU A 20 -15.16 0.82 -5.41
N GLY A 21 -14.95 2.14 -5.36
CA GLY A 21 -15.78 3.06 -4.61
C GLY A 21 -15.45 3.23 -3.19
N PHE A 22 -14.41 2.53 -2.70
CA PHE A 22 -14.03 2.68 -1.28
C PHE A 22 -13.47 4.08 -1.08
N GLU A 23 -14.11 4.88 -0.24
CA GLU A 23 -13.70 6.29 -0.05
C GLU A 23 -13.62 7.00 -1.40
N GLY A 24 -14.50 6.64 -2.31
CA GLY A 24 -14.57 7.30 -3.63
C GLY A 24 -13.41 6.98 -4.55
N THR A 25 -12.63 5.97 -4.25
CA THR A 25 -11.46 5.63 -5.07
C THR A 25 -11.84 4.59 -6.12
N THR A 26 -10.94 4.39 -7.07
CA THR A 26 -11.11 3.41 -8.16
C THR A 26 -10.10 2.28 -7.98
N ILE A 27 -10.40 1.17 -8.66
CA ILE A 27 -9.39 0.10 -8.74
C ILE A 27 -8.10 0.60 -9.37
N ALA A 28 -8.23 1.35 -10.46
CA ALA A 28 -7.05 1.86 -11.15
C ALA A 28 -6.19 2.71 -10.22
N ASP A 29 -6.85 3.53 -9.39
CA ASP A 29 -6.11 4.31 -8.41
C ASP A 29 -5.17 3.42 -7.58
N TRP A 30 -5.72 2.34 -7.05
CA TRP A 30 -4.95 1.46 -6.16
C TRP A 30 -3.86 0.69 -6.92
N ILE A 31 -4.10 0.29 -8.16
CA ILE A 31 -3.09 -0.40 -8.92
C ILE A 31 -1.91 0.54 -9.22
N CYS A 32 -2.25 1.74 -9.68
CA CYS A 32 -1.22 2.76 -9.96
C CYS A 32 -0.44 3.11 -8.68
N LEU A 33 -1.17 3.23 -7.56
CA LEU A 33 -0.57 3.46 -6.26
C LEU A 33 0.46 2.39 -5.92
N VAL A 34 0.05 1.12 -6.07
CA VAL A 34 0.98 0.02 -5.79
C VAL A 34 2.15 0.01 -6.72
N GLN A 35 1.93 0.22 -8.00
CA GLN A 35 3.03 0.19 -8.97
C GLN A 35 4.12 1.18 -8.55
N HIS A 36 3.70 2.40 -8.15
CA HIS A 36 4.65 3.46 -7.78
C HIS A 36 5.16 3.32 -6.36
N ALA A 37 4.48 2.67 -5.48
CA ALA A 37 4.91 2.53 -4.06
C ALA A 37 5.89 1.37 -3.95
N SER A 38 5.46 0.16 -4.28
CA SER A 38 6.17 -1.10 -4.04
C SER A 38 6.59 -1.80 -5.33
N ASP A 39 6.10 -1.35 -6.47
CA ASP A 39 6.35 -2.10 -7.71
C ASP A 39 5.85 -3.55 -7.59
N TYR A 40 4.70 -3.72 -6.91
CA TYR A 40 3.99 -4.99 -6.76
C TYR A 40 4.69 -5.98 -5.81
N ASN A 41 5.71 -5.53 -5.09
CA ASN A 41 6.49 -6.40 -4.21
C ASN A 41 5.87 -6.43 -2.81
N THR A 42 5.37 -7.57 -2.36
CA THR A 42 4.80 -7.69 -1.02
C THR A 42 5.82 -7.57 0.09
N GLU A 43 7.10 -7.62 -0.22
N GLU A 43 7.10 -7.67 -0.26
CA GLU A 43 8.12 -7.36 0.84
CA GLU A 43 8.24 -7.51 0.66
C GLU A 43 9.00 -6.19 0.42
C GLU A 43 9.00 -6.21 0.42
N ALA A 44 8.38 -5.24 -0.26
CA ALA A 44 9.07 -3.95 -0.49
C ALA A 44 9.39 -3.30 0.83
N TYR A 45 10.52 -2.62 0.88
CA TYR A 45 11.01 -2.03 2.12
C TYR A 45 11.85 -0.81 1.80
N ASN A 46 11.59 0.25 2.53
N ASN A 46 11.54 0.29 2.48
CA ASN A 46 12.45 1.44 2.40
CA ASN A 46 12.24 1.59 2.37
C ASN A 46 12.65 2.10 3.75
C ASN A 46 12.65 2.00 3.78
N ASN A 47 13.93 2.23 4.04
CA ASN A 47 14.39 2.82 5.31
C ASN A 47 14.91 4.21 5.04
N ASN A 48 14.06 5.23 5.24
N ASN A 48 14.13 5.23 5.25
CA ASN A 48 14.37 6.66 5.00
CA ASN A 48 14.62 6.57 4.92
C ASN A 48 15.25 7.25 6.11
C ASN A 48 15.28 7.26 6.12
N GLY A 49 15.37 6.57 7.26
CA GLY A 49 16.07 7.10 8.43
C GLY A 49 15.11 7.36 9.57
N PRO A 50 14.32 8.45 9.55
CA PRO A 50 13.37 8.68 10.64
C PRO A 50 12.26 7.62 10.70
N SER A 51 11.96 6.95 9.56
CA SER A 51 10.87 6.01 9.50
C SER A 51 11.13 5.07 8.34
N ARG A 52 10.38 3.97 8.36
CA ARG A 52 10.45 2.89 7.36
C ARG A 52 9.10 2.60 6.82
N ASP A 53 9.07 2.19 5.54
N ASP A 53 9.08 2.15 5.57
CA ASP A 53 7.81 1.85 4.84
CA ASP A 53 7.84 1.84 4.83
C ASP A 53 7.84 0.38 4.42
C ASP A 53 7.85 0.36 4.44
N TYR A 54 6.70 -0.26 4.63
CA TYR A 54 6.60 -1.71 4.59
C TYR A 54 5.53 -2.22 3.63
N GLY A 55 5.94 -3.19 2.80
CA GLY A 55 4.98 -4.02 2.05
C GLY A 55 4.44 -3.36 0.81
N ILE A 56 3.41 -4.02 0.28
N ILE A 56 3.38 -4.02 0.34
CA ILE A 56 2.88 -3.65 -1.05
CA ILE A 56 2.74 -3.72 -0.97
C ILE A 56 2.28 -2.23 -1.03
C ILE A 56 2.24 -2.27 -1.01
N PHE A 57 1.79 -1.73 0.10
CA PHE A 57 1.28 -0.36 0.20
C PHE A 57 2.26 0.58 0.84
N GLN A 58 3.46 0.16 1.18
CA GLN A 58 4.50 1.06 1.74
C GLN A 58 3.98 1.84 2.92
N ILE A 59 3.43 1.13 3.88
CA ILE A 59 2.83 1.70 5.10
C ILE A 59 3.95 2.12 6.04
N ASN A 60 3.79 3.32 6.61
N ASN A 60 3.79 3.31 6.64
CA ASN A 60 4.88 4.00 7.35
CA ASN A 60 4.88 4.02 7.38
C ASN A 60 4.85 3.72 8.86
C ASN A 60 4.85 3.69 8.88
N SER A 61 6.04 3.44 9.39
CA SER A 61 6.27 3.07 10.81
C SER A 61 6.14 4.22 11.78
N LYS A 62 6.10 5.47 11.31
CA LYS A 62 5.93 6.62 12.24
C LYS A 62 4.49 6.76 12.66
N TYR A 63 3.53 6.31 11.84
CA TYR A 63 2.10 6.55 12.06
C TYR A 63 1.22 5.29 12.12
N TRP A 64 1.60 4.21 11.45
CA TRP A 64 0.63 3.15 11.15
C TRP A 64 0.96 1.75 11.66
N CYS A 65 2.21 1.37 11.72
CA CYS A 65 2.61 0.05 12.20
C CYS A 65 3.81 0.22 13.11
N ASN A 66 3.96 -0.72 14.03
CA ASN A 66 5.07 -0.64 14.99
C ASN A 66 6.22 -1.49 14.47
N ASP A 67 7.39 -0.90 14.32
CA ASP A 67 8.62 -1.68 13.99
C ASP A 67 9.61 -1.65 15.17
N GLY A 68 9.21 -1.04 16.29
CA GLY A 68 10.03 -0.98 17.50
C GLY A 68 11.27 -0.13 17.40
N LYS A 69 11.48 0.61 16.30
CA LYS A 69 12.72 1.30 16.11
C LYS A 69 12.52 2.68 15.50
N THR A 70 11.31 3.20 15.61
CA THR A 70 10.95 4.51 15.07
C THR A 70 10.63 5.45 16.22
N SER A 71 11.43 6.51 16.36
CA SER A 71 11.21 7.46 17.45
C SER A 71 9.99 8.29 17.11
N GLY A 72 9.29 8.71 18.14
CA GLY A 72 8.09 9.55 17.97
C GLY A 72 6.93 8.90 17.26
N ALA A 73 6.86 7.59 17.30
CA ALA A 73 5.89 6.85 16.50
C ALA A 73 4.57 6.65 17.24
N VAL A 74 3.52 6.50 16.43
CA VAL A 74 2.23 5.96 16.86
C VAL A 74 1.89 4.82 15.91
N ASP A 75 1.03 3.95 16.35
CA ASP A 75 0.72 2.67 15.69
C ASP A 75 -0.76 2.64 15.34
N GLY A 76 -1.16 3.41 14.35
CA GLY A 76 -2.59 3.59 14.05
C GLY A 76 -3.31 2.35 13.59
N CYS A 77 -2.63 1.42 12.98
CA CYS A 77 -3.27 0.17 12.57
C CYS A 77 -3.13 -0.92 13.62
N HIS A 78 -2.42 -0.65 14.72
CA HIS A 78 -2.31 -1.61 15.82
C HIS A 78 -1.74 -2.94 15.36
N ILE A 79 -0.65 -2.90 14.59
CA ILE A 79 -0.02 -4.12 14.08
C ILE A 79 1.48 -3.90 14.04
N SER A 80 2.22 -4.98 14.11
N SER A 80 2.19 -5.04 14.03
CA SER A 80 3.68 -4.91 13.83
CA SER A 80 3.63 -5.14 13.75
C SER A 80 3.88 -4.77 12.34
C SER A 80 3.86 -4.81 12.29
N CYS A 81 4.88 -4.00 11.98
CA CYS A 81 5.19 -3.78 10.57
C CYS A 81 5.51 -5.08 9.82
N SER A 82 6.07 -6.04 10.51
CA SER A 82 6.43 -7.33 9.92
C SER A 82 5.19 -8.06 9.37
N GLU A 83 4.00 -7.76 9.88
N GLU A 83 4.00 -7.77 9.84
CA GLU A 83 2.70 -8.29 9.42
CA GLU A 83 2.78 -8.42 9.34
C GLU A 83 2.44 -7.88 7.96
C GLU A 83 2.34 -7.80 8.01
N LEU A 84 3.05 -6.77 7.54
CA LEU A 84 2.85 -6.14 6.23
C LEU A 84 3.89 -6.60 5.20
N MET A 85 4.68 -7.62 5.55
CA MET A 85 5.78 -8.09 4.71
C MET A 85 5.56 -9.49 4.19
N THR A 86 4.36 -9.97 4.18
CA THR A 86 4.00 -11.35 3.85
C THR A 86 3.21 -11.39 2.53
N ASN A 87 3.01 -12.56 1.93
N ASN A 87 2.98 -12.62 2.05
CA ASN A 87 2.12 -12.57 0.75
CA ASN A 87 2.15 -12.90 0.84
C ASN A 87 0.66 -12.46 1.15
C ASN A 87 0.67 -12.77 1.15
N ASP A 88 0.31 -12.71 2.42
CA ASP A 88 -1.07 -12.63 2.86
C ASP A 88 -1.40 -11.18 3.02
N LEU A 89 -2.27 -10.65 2.14
CA LEU A 89 -2.55 -9.22 2.08
C LEU A 89 -3.63 -8.78 3.07
N GLU A 90 -4.21 -9.66 3.87
CA GLU A 90 -5.32 -9.25 4.71
C GLU A 90 -4.90 -8.08 5.62
N ASP A 91 -3.76 -8.14 6.32
CA ASP A 91 -3.40 -7.07 7.21
C ASP A 91 -3.10 -5.78 6.44
N ASP A 92 -2.51 -5.92 5.27
CA ASP A 92 -2.23 -4.74 4.41
C ASP A 92 -3.54 -4.05 4.01
N ILE A 93 -4.50 -4.86 3.58
CA ILE A 93 -5.81 -4.34 3.17
C ILE A 93 -6.50 -3.60 4.31
N LYS A 94 -6.55 -4.24 5.48
CA LYS A 94 -7.23 -3.66 6.60
C LYS A 94 -6.57 -2.31 6.93
N CYS A 95 -5.25 -2.27 6.99
CA CYS A 95 -4.56 -1.07 7.39
C CYS A 95 -4.68 -0.01 6.31
N ALA A 96 -4.46 -0.34 5.04
CA ALA A 96 -4.60 0.67 4.00
C ALA A 96 -5.99 1.25 3.95
N LYS A 97 -7.02 0.46 4.18
CA LYS A 97 -8.40 0.97 4.23
C LYS A 97 -8.55 1.97 5.37
N LYS A 98 -7.96 1.68 6.51
CA LYS A 98 -8.03 2.64 7.63
C LYS A 98 -7.34 3.94 7.24
N ILE A 99 -6.19 3.87 6.64
CA ILE A 99 -5.41 5.06 6.24
C ILE A 99 -6.25 5.91 5.28
N ALA A 100 -6.81 5.25 4.26
CA ALA A 100 -7.61 5.97 3.26
C ALA A 100 -8.91 6.49 3.88
N ARG A 101 -9.53 5.77 4.79
CA ARG A 101 -10.73 6.28 5.49
C ARG A 101 -10.36 7.53 6.30
N ASP A 102 -9.24 7.49 7.01
CA ASP A 102 -8.87 8.65 7.83
C ASP A 102 -8.59 9.87 6.94
N ALA A 103 -8.01 9.70 5.74
CA ALA A 103 -7.68 10.83 4.87
C ALA A 103 -8.80 11.14 3.88
N HIS A 104 -9.87 10.37 3.90
CA HIS A 104 -10.97 10.42 2.91
C HIS A 104 -10.38 10.41 1.50
N GLY A 105 -9.43 9.49 1.27
CA GLY A 105 -8.80 9.28 -0.02
C GLY A 105 -7.35 8.90 0.06
N LEU A 106 -6.64 9.10 -1.03
CA LEU A 106 -5.31 8.50 -1.31
C LEU A 106 -4.15 9.46 -1.14
N THR A 107 -4.42 10.68 -0.67
CA THR A 107 -3.34 11.64 -0.40
C THR A 107 -2.25 11.15 0.54
N PRO A 108 -2.44 10.14 1.42
CA PRO A 108 -1.28 9.64 2.18
C PRO A 108 -0.20 8.98 1.36
N TRP A 109 -0.48 8.68 0.09
CA TRP A 109 0.49 8.00 -0.78
C TRP A 109 1.08 9.00 -1.78
N TYR A 110 2.33 9.30 -1.58
N TYR A 110 2.34 9.31 -1.56
CA TYR A 110 3.00 10.30 -2.44
CA TYR A 110 3.15 10.21 -2.42
C TYR A 110 3.10 9.80 -3.89
C TYR A 110 3.08 9.80 -3.88
N GLY A 111 3.34 8.52 -4.14
CA GLY A 111 3.42 8.02 -5.50
C GLY A 111 2.10 8.23 -6.24
N TRP A 112 0.99 7.95 -5.55
CA TRP A 112 -0.31 8.14 -6.18
C TRP A 112 -0.53 9.63 -6.48
N LYS A 113 -0.23 10.50 -5.52
CA LYS A 113 -0.45 11.92 -5.82
C LYS A 113 0.39 12.37 -7.03
N ASN A 114 1.60 11.86 -7.15
N ASN A 114 1.64 11.99 -7.08
CA ASN A 114 2.60 12.41 -8.08
CA ASN A 114 2.55 12.50 -8.12
C ASN A 114 2.59 11.71 -9.44
C ASN A 114 2.36 11.82 -9.46
N HIS A 115 2.01 10.52 -9.51
CA HIS A 115 2.08 9.68 -10.74
C HIS A 115 0.74 9.11 -11.15
N CYS A 116 -0.33 9.36 -10.40
CA CYS A 116 -1.62 8.71 -10.71
C CYS A 116 -2.77 9.71 -10.75
N GLU A 117 -2.93 10.47 -9.66
CA GLU A 117 -4.06 11.39 -9.54
C GLU A 117 -4.18 12.28 -10.78
N GLY A 118 -5.39 12.37 -11.31
CA GLY A 118 -5.66 13.26 -12.42
C GLY A 118 -5.12 12.84 -13.76
N ARG A 119 -4.74 11.58 -13.92
CA ARG A 119 -4.13 11.02 -15.13
C ARG A 119 -5.05 9.99 -15.74
N ASP A 120 -4.67 9.57 -16.94
CA ASP A 120 -5.34 8.43 -17.62
C ASP A 120 -4.68 7.17 -17.08
N LEU A 121 -5.47 6.42 -16.32
CA LEU A 121 -5.03 5.20 -15.64
C LEU A 121 -5.54 3.95 -16.36
N SER A 122 -6.03 4.09 -17.58
CA SER A 122 -6.61 2.93 -18.31
C SER A 122 -5.64 1.75 -18.32
N SER A 123 -4.36 2.00 -18.53
CA SER A 123 -3.39 0.92 -18.74
C SER A 123 -3.29 0.03 -17.50
N TYR A 124 -3.51 0.56 -16.31
CA TYR A 124 -3.31 -0.22 -15.10
C TYR A 124 -4.37 -1.31 -14.89
N VAL A 125 -5.54 -1.14 -15.54
CA VAL A 125 -6.69 -2.03 -15.32
C VAL A 125 -7.13 -2.76 -16.57
N LYS A 126 -6.61 -2.45 -17.75
CA LYS A 126 -7.05 -3.17 -18.95
C LYS A 126 -6.37 -4.52 -19.06
N GLY A 127 -6.93 -5.40 -19.87
CA GLY A 127 -6.23 -6.62 -20.23
C GLY A 127 -6.29 -7.76 -19.26
N CYS A 128 -7.08 -7.65 -18.23
CA CYS A 128 -7.16 -8.71 -17.21
C CYS A 128 -8.36 -9.60 -17.49
C1 NAG B . 7.36 6.74 1.16
C2 NAG B . 7.37 8.05 1.91
C3 NAG B . 6.58 7.96 3.21
C4 NAG B . 5.11 7.66 2.79
C5 NAG B . 5.02 6.35 1.91
C6 NAG B . 3.67 6.20 1.27
C7 NAG B . 9.40 9.44 1.70
C8 NAG B . 10.82 9.48 2.15
N2 NAG B . 8.70 8.46 2.29
O1 NAG B . 8.23 6.95 0.04
O3 NAG B . 6.55 9.30 3.79
O4 NAG B . 4.38 7.46 4.03
O5 NAG B . 5.99 6.40 0.71
O6 NAG B . 3.54 7.39 0.40
O7 NAG B . 8.95 10.21 0.85
H1 NAG B . 7.73 5.91 1.77
H2 NAG B . 6.91 8.82 1.28
H3 NAG B . 6.95 7.12 3.82
H4 NAG B . 4.66 8.48 2.21
H5 NAG B . 5.27 5.48 2.55
H61 NAG B . 2.90 6.18 2.05
H62 NAG B . 3.63 5.28 0.71
H81 NAG B . 11.29 8.57 1.91
H82 NAG B . 11.32 10.28 1.64
H83 NAG B . 10.87 9.65 3.19
HN2 NAG B . 9.15 7.98 3.07
HO1 NAG B . 7.74 6.82 -0.79
HO3 NAG B . 5.96 9.31 4.56
HO6 NAG B . 2.69 7.38 -0.05
C1 NAG B . 3.48 8.54 4.36
C2 NAG B . 2.27 8.04 5.10
C3 NAG B . 1.38 9.20 5.55
C4 NAG B . 2.22 10.27 6.28
C5 NAG B . 3.48 10.62 5.50
C6 NAG B . 4.41 11.66 6.11
C7 NAG B . 1.45 5.81 4.46
C8 NAG B . 0.76 5.00 3.42
N2 NAG B . 1.55 7.10 4.23
O3 NAG B . 0.33 8.66 6.34
O4 NAG B . 1.43 11.43 6.42
O5 NAG B . 4.19 9.42 5.24
O6 NAG B . 4.72 11.22 7.49
O7 NAG B . 1.90 5.23 5.46
H1 NAG B . 4.01 8.47 3.41
H2 NAG B . 2.60 7.49 5.99
H3 NAG B . 0.93 9.67 4.66
H4 NAG B . 2.52 9.90 7.26
H5 NAG B . 3.19 11.09 4.54
H61 NAG B . 3.91 12.63 6.14
H62 NAG B . 5.32 11.73 5.53
H81 NAG B . 1.28 5.09 2.50
H82 NAG B . 0.74 3.98 3.72
H83 NAG B . -0.23 5.35 3.31
HN2 NAG B . 1.10 7.47 3.40
HO3 NAG B . -0.29 9.36 6.58
HO6 NAG B . 5.31 11.85 7.92
C1 NAG B . 1.16 11.85 7.75
C2 NAG B . 0.72 13.29 7.66
C3 NAG B . 0.36 13.76 9.05
C4 NAG B . -0.65 12.86 9.67
C5 NAG B . -0.15 11.41 9.66
C6 NAG B . -1.13 10.35 10.18
C7 NAG B . 1.79 14.52 5.85
C8 NAG B . 2.97 15.34 5.55
N2 NAG B . 1.77 14.13 7.15
O3 NAG B . -0.11 15.10 9.05
O4 NAG B . -0.86 13.21 11.03
O5 NAG B . 0.15 11.05 8.31
O6 NAG B . -2.32 10.51 9.38
O7 NAG B . 0.93 14.20 5.00
H1 NAG B . 2.03 11.23 7.51
H2 NAG B . -0.17 13.37 7.03
H3 NAG B . 1.27 13.73 9.68
H4 NAG B . -1.60 12.90 9.10
H5 NAG B . 0.77 11.35 10.26
H61 NAG B . -1.32 10.52 11.24
H62 NAG B . -0.69 9.35 10.05
H81 NAG B . 3.85 14.79 5.73
H82 NAG B . 2.95 15.63 4.53
H83 NAG B . 2.97 16.20 6.16
HN2 NAG B . 2.51 14.41 7.78
HO3 NAG B . -0.28 15.40 9.96
HO6 NAG B . -2.98 9.87 9.65
C1 NAG B . -2.27 13.52 11.12
C2 NAG B . -2.52 13.56 12.60
C3 NAG B . -4.05 13.85 12.79
C4 NAG B . -4.58 15.03 12.00
C5 NAG B . -4.13 14.72 10.57
C6 NAG B . -4.63 15.66 9.50
C7 NAG B . -1.38 11.78 13.89
C8 NAG B . -1.51 10.36 14.30
N2 NAG B . -2.29 12.24 13.07
O3 NAG B . -4.54 14.07 14.12
O4 NAG B . -6.00 15.10 12.13
O5 NAG B . -2.70 14.76 10.54
O6 NAG B . -3.69 15.52 8.43
O7 NAG B . -0.37 12.37 14.16
H1 NAG B . -1.86 12.87 10.32
H2 NAG B . -1.96 14.40 13.05
H3 NAG B . -4.58 12.94 12.45
H4 NAG B . -4.11 15.98 12.31
H5 NAG B . -4.47 13.72 10.30
H61 NAG B . -4.64 16.68 9.89
H62 NAG B . -5.63 15.36 9.19
H81 NAG B . -1.47 9.73 13.44
H82 NAG B . -0.71 10.10 14.95
H83 NAG B . -2.43 10.23 14.80
HN2 NAG B . -2.92 11.51 12.76
HO3 NAG B . -5.50 14.09 14.11
HO4 NAG B . -6.34 15.80 11.56
HO6 NAG B . -3.95 16.09 7.69
CL CL C . -10.94 1.47 -12.41
#